data_5XIE
#
_entry.id   5XIE
#
_cell.length_a   153.622
_cell.length_b   153.622
_cell.length_c   36.825
_cell.angle_alpha   90.000
_cell.angle_beta   90.000
_cell.angle_gamma   120.000
#
_symmetry.space_group_name_H-M   'P 61'
#
loop_
_entity.id
_entity.type
_entity.pdbx_description
1 polymer 'Heme acquisition protein HasAp'
2 non-polymer '5-Ethynyl-10,20-diphenylporphyrin containing FE'
3 water water
#
_entity_poly.entity_id   1
_entity_poly.type   'polypeptide(L)'
_entity_poly.pdbx_seq_one_letter_code
;MSISISYSTTYSGWTVADYLADWSAYFGDVNHRPGQVVDGSNTGGFNPGPFDGSQYALKSTASDAAFIAGGDLHYTLFSN
PSHTLWGKLDSIALGDTLTGGASSGGYALDSQEVSFSNLGLDSPIAQGRDGTVHKVVYGLMSGDSSALQGQIDALLKAVD
PSLSINSTFDQLAAAGVAHATPAA
;
_entity_poly.pdbx_strand_id   A,B
#
# COMPACT_ATOMS: atom_id res chain seq x y z
N MET A 1 -4.44 -9.86 -17.82
CA MET A 1 -3.98 -10.25 -16.45
C MET A 1 -4.86 -11.37 -15.89
N SER A 2 -4.24 -12.47 -15.47
CA SER A 2 -4.96 -13.53 -14.76
C SER A 2 -5.02 -13.19 -13.27
N ILE A 3 -5.90 -13.90 -12.56
CA ILE A 3 -6.07 -13.72 -11.11
C ILE A 3 -4.70 -13.83 -10.39
N SER A 4 -4.50 -12.92 -9.43
CA SER A 4 -3.30 -12.91 -8.60
C SER A 4 -3.71 -12.85 -7.14
N ILE A 5 -2.99 -13.59 -6.30
CA ILE A 5 -3.37 -13.77 -4.91
C ILE A 5 -2.17 -13.48 -4.01
N SER A 6 -2.41 -12.72 -2.95
CA SER A 6 -1.42 -12.46 -1.91
C SER A 6 -1.97 -13.11 -0.64
N TYR A 7 -1.11 -13.82 0.08
CA TYR A 7 -1.55 -14.49 1.32
C TYR A 7 -0.45 -14.47 2.38
N SER A 8 -0.88 -14.30 3.62
CA SER A 8 0.00 -14.43 4.77
C SER A 8 0.39 -15.93 4.94
N THR A 9 1.65 -16.18 5.32
CA THR A 9 2.19 -17.55 5.42
C THR A 9 1.41 -18.41 6.40
N THR A 10 0.83 -17.77 7.40
CA THR A 10 -0.15 -18.39 8.28
C THR A 10 -1.11 -19.33 7.56
N TYR A 11 -1.59 -18.94 6.37
CA TYR A 11 -2.60 -19.72 5.64
C TYR A 11 -2.04 -20.63 4.53
N SER A 12 -0.73 -20.85 4.52
CA SER A 12 -0.05 -21.71 3.54
C SER A 12 -0.78 -23.00 3.26
N GLY A 13 -1.18 -23.67 4.34
CA GLY A 13 -1.81 -25.00 4.27
C GLY A 13 -3.32 -25.01 4.21
N TRP A 14 -3.94 -23.82 4.29
CA TRP A 14 -5.39 -23.71 4.16
C TRP A 14 -5.78 -23.72 2.71
N THR A 15 -6.96 -24.23 2.42
CA THR A 15 -7.57 -24.06 1.11
C THR A 15 -8.26 -22.68 1.04
N VAL A 16 -8.49 -22.18 -0.17
CA VAL A 16 -9.09 -20.85 -0.34
C VAL A 16 -10.53 -20.87 0.18
N ALA A 17 -11.26 -21.93 -0.15
CA ALA A 17 -12.65 -22.13 0.30
C ALA A 17 -12.83 -22.14 1.82
N ASP A 18 -11.93 -22.83 2.50
CA ASP A 18 -11.96 -22.95 3.96
C ASP A 18 -11.57 -21.63 4.60
N TYR A 19 -10.53 -20.99 4.05
CA TYR A 19 -10.13 -19.67 4.47
C TYR A 19 -11.33 -18.69 4.41
N LEU A 20 -12.03 -18.67 3.27
CA LEU A 20 -13.13 -17.74 3.05
C LEU A 20 -14.35 -18.06 3.89
N ALA A 21 -14.65 -19.34 4.10
CA ALA A 21 -15.73 -19.74 4.99
C ALA A 21 -15.42 -19.26 6.41
N ASP A 22 -14.18 -19.46 6.86
CA ASP A 22 -13.75 -19.01 8.18
C ASP A 22 -13.76 -17.49 8.28
N TRP A 23 -13.25 -16.80 7.26
CA TRP A 23 -13.27 -15.34 7.25
C TRP A 23 -14.70 -14.79 7.35
N SER A 24 -15.63 -15.33 6.57
CA SER A 24 -17.04 -14.92 6.60
C SER A 24 -17.71 -15.04 7.98
N ALA A 25 -17.47 -16.18 8.63
CA ALA A 25 -17.96 -16.42 9.98
C ALA A 25 -17.30 -15.47 10.99
N TYR A 26 -16.03 -15.14 10.76
CA TYR A 26 -15.26 -14.20 11.59
C TYR A 26 -15.72 -12.73 11.43
N PHE A 27 -15.88 -12.29 10.18
CA PHE A 27 -16.43 -10.97 9.89
C PHE A 27 -17.89 -10.88 10.33
N GLY A 28 -18.65 -11.92 10.00
CA GLY A 28 -20.04 -12.01 10.39
C GLY A 28 -20.99 -11.27 9.44
N ASP A 29 -22.11 -10.85 9.99
CA ASP A 29 -23.16 -10.16 9.25
C ASP A 29 -23.32 -8.78 9.90
N VAL A 30 -23.12 -7.72 9.11
CA VAL A 30 -23.33 -6.34 9.63
C VAL A 30 -24.77 -5.91 9.64
N ASN A 31 -25.67 -6.75 9.11
CA ASN A 31 -27.11 -6.52 9.16
C ASN A 31 -27.47 -5.24 8.38
N HIS A 32 -26.94 -5.18 7.17
CA HIS A 32 -27.13 -4.08 6.23
C HIS A 32 -28.28 -4.51 5.33
N ARG A 33 -29.47 -4.09 5.70
CA ARG A 33 -30.70 -4.42 4.97
C ARG A 33 -31.78 -3.42 5.38
N PRO A 34 -32.92 -3.42 4.65
CA PRO A 34 -33.96 -2.41 4.93
C PRO A 34 -34.42 -2.39 6.38
N GLY A 35 -34.56 -1.20 6.93
CA GLY A 35 -34.87 -1.02 8.34
C GLY A 35 -33.72 -1.20 9.32
N GLN A 36 -32.59 -1.78 8.86
CA GLN A 36 -31.45 -2.07 9.74
C GLN A 36 -30.20 -1.19 9.43
N VAL A 37 -30.28 -0.34 8.41
CA VAL A 37 -29.32 0.74 8.17
C VAL A 37 -29.97 2.05 8.63
N VAL A 38 -29.75 2.37 9.90
CA VAL A 38 -30.33 3.55 10.57
C VAL A 38 -29.30 4.62 11.00
N ASP A 39 -28.02 4.33 10.83
CA ASP A 39 -26.93 5.25 11.14
C ASP A 39 -25.69 4.81 10.34
N GLY A 40 -24.51 5.31 10.68
CA GLY A 40 -23.31 5.02 9.89
C GLY A 40 -22.53 3.80 10.31
N SER A 41 -23.01 3.10 11.34
CA SER A 41 -22.26 2.00 11.94
C SER A 41 -22.06 0.78 11.02
N ASN A 42 -22.93 0.58 10.03
CA ASN A 42 -22.88 -0.58 9.15
C ASN A 42 -23.02 -0.25 7.67
N THR A 43 -22.66 0.97 7.28
CA THR A 43 -22.74 1.40 5.87
C THR A 43 -21.43 1.11 5.13
N GLY A 44 -20.31 1.28 5.81
CA GLY A 44 -19.00 1.37 5.15
C GLY A 44 -18.80 2.72 4.49
N GLY A 45 -17.94 2.77 3.49
CA GLY A 45 -17.66 4.02 2.78
C GLY A 45 -16.96 3.84 1.47
N PHE A 46 -17.13 4.85 0.61
CA PHE A 46 -16.49 4.91 -0.68
C PHE A 46 -15.33 5.91 -0.67
N ASN A 47 -14.34 5.59 -1.50
CA ASN A 47 -13.25 6.51 -1.82
C ASN A 47 -13.38 6.81 -3.33
N PRO A 48 -13.76 8.01 -3.74
CA PRO A 48 -13.96 9.20 -2.90
C PRO A 48 -15.36 9.40 -2.35
N GLY A 49 -16.35 8.64 -2.82
CA GLY A 49 -17.74 8.87 -2.42
C GLY A 49 -18.34 10.09 -3.11
N PRO A 50 -19.57 10.47 -2.78
CA PRO A 50 -20.40 9.84 -1.75
C PRO A 50 -20.97 8.42 -2.05
N PHE A 51 -21.29 8.14 -3.31
CA PHE A 51 -21.94 6.89 -3.71
C PHE A 51 -21.19 6.12 -4.79
N ASP A 52 -19.96 6.53 -5.08
CA ASP A 52 -19.14 5.94 -6.13
C ASP A 52 -17.69 5.97 -5.66
N GLY A 53 -16.92 4.99 -6.08
CA GLY A 53 -15.51 4.96 -5.71
C GLY A 53 -14.66 3.96 -6.41
N SER A 54 -13.35 4.20 -6.40
CA SER A 54 -12.38 3.19 -6.77
C SER A 54 -12.20 2.21 -5.62
N GLN A 55 -12.66 2.58 -4.42
CA GLN A 55 -12.72 1.65 -3.29
C GLN A 55 -14.04 1.77 -2.54
N TYR A 56 -14.53 0.62 -2.09
CA TYR A 56 -15.57 0.53 -1.09
C TYR A 56 -14.99 -0.33 0.03
N ALA A 57 -15.14 0.13 1.26
CA ALA A 57 -14.59 -0.56 2.42
C ALA A 57 -15.60 -0.62 3.57
N LEU A 58 -15.47 -1.65 4.39
CA LEU A 58 -16.39 -1.89 5.50
C LEU A 58 -15.71 -2.67 6.62
N LYS A 59 -15.92 -2.19 7.84
CA LYS A 59 -15.49 -2.90 9.06
C LYS A 59 -16.64 -3.77 9.58
N SER A 60 -16.27 -4.94 10.10
CA SER A 60 -17.16 -5.79 10.88
C SER A 60 -17.70 -5.02 12.09
N THR A 61 -18.96 -5.25 12.45
CA THR A 61 -19.50 -4.70 13.70
C THR A 61 -19.18 -5.62 14.89
N ALA A 62 -18.81 -6.86 14.57
CA ALA A 62 -18.51 -7.92 15.52
C ALA A 62 -17.03 -8.01 15.93
N SER A 63 -16.14 -7.80 14.97
CA SER A 63 -14.70 -8.02 15.15
C SER A 63 -13.89 -6.89 14.54
N ASP A 64 -12.57 -7.03 14.57
CA ASP A 64 -11.67 -6.10 13.90
C ASP A 64 -11.55 -6.38 12.39
N ALA A 65 -12.32 -7.35 11.88
CA ALA A 65 -12.29 -7.73 10.47
C ALA A 65 -12.78 -6.61 9.56
N ALA A 66 -12.17 -6.54 8.39
CA ALA A 66 -12.59 -5.57 7.38
C ALA A 66 -12.25 -6.08 6.01
N PHE A 67 -12.95 -5.53 5.01
CA PHE A 67 -12.57 -5.76 3.62
C PHE A 67 -12.53 -4.46 2.83
N ILE A 68 -11.75 -4.47 1.76
CA ILE A 68 -11.70 -3.38 0.80
C ILE A 68 -11.93 -4.00 -0.57
N ALA A 69 -12.97 -3.53 -1.24
CA ALA A 69 -13.25 -3.87 -2.62
C ALA A 69 -12.69 -2.75 -3.50
N GLY A 70 -11.86 -3.12 -4.48
CA GLY A 70 -11.25 -2.16 -5.41
C GLY A 70 -11.76 -2.32 -6.83
N GLY A 71 -11.99 -1.20 -7.51
CA GLY A 71 -12.33 -1.21 -8.92
C GLY A 71 -12.90 0.12 -9.37
N ASP A 72 -14.09 0.09 -9.93
CA ASP A 72 -14.81 1.30 -10.36
C ASP A 72 -16.28 1.06 -10.04
N LEU A 73 -16.63 1.40 -8.81
CA LEU A 73 -17.85 0.91 -8.17
C LEU A 73 -18.87 2.03 -7.99
N HIS A 74 -20.15 1.65 -8.06
CA HIS A 74 -21.26 2.61 -8.03
C HIS A 74 -22.37 2.03 -7.19
N TYR A 75 -22.98 2.88 -6.35
CA TYR A 75 -24.16 2.48 -5.57
C TYR A 75 -25.38 3.33 -5.96
N THR A 76 -26.47 2.66 -6.28
CA THR A 76 -27.67 3.34 -6.80
C THR A 76 -28.45 4.03 -5.71
N LEU A 77 -28.21 3.62 -4.46
CA LEU A 77 -28.91 4.14 -3.30
C LEU A 77 -30.44 3.97 -3.50
N PHE A 78 -31.20 5.06 -3.63
CA PHE A 78 -32.67 4.96 -3.79
C PHE A 78 -33.17 4.99 -5.22
N SER A 79 -32.27 5.21 -6.19
N SER A 79 -32.27 5.21 -6.19
CA SER A 79 -32.65 5.22 -7.60
CA SER A 79 -32.66 5.22 -7.59
C SER A 79 -32.79 3.78 -8.09
C SER A 79 -32.79 3.78 -8.09
N ASN A 80 -33.73 3.54 -9.00
CA ASN A 80 -33.97 2.18 -9.52
C ASN A 80 -32.79 1.70 -10.39
N PRO A 81 -32.36 0.44 -10.27
CA PRO A 81 -32.81 -0.53 -9.25
C PRO A 81 -32.18 -0.21 -7.89
N SER A 82 -33.02 -0.05 -6.88
CA SER A 82 -32.55 0.45 -5.59
C SER A 82 -31.55 -0.50 -4.91
N HIS A 83 -30.63 0.09 -4.17
CA HIS A 83 -29.67 -0.63 -3.36
C HIS A 83 -28.88 -1.67 -4.14
N THR A 84 -28.34 -1.20 -5.27
CA THR A 84 -27.54 -1.98 -6.18
C THR A 84 -26.13 -1.40 -6.24
N LEU A 85 -25.15 -2.22 -5.89
CA LEU A 85 -23.74 -1.98 -6.12
C LEU A 85 -23.32 -2.63 -7.45
N TRP A 86 -22.83 -1.81 -8.37
CA TRP A 86 -22.47 -2.28 -9.70
C TRP A 86 -21.19 -1.60 -10.14
N GLY A 87 -20.71 -1.98 -11.32
CA GLY A 87 -19.47 -1.43 -11.87
C GLY A 87 -18.40 -2.51 -11.98
N LYS A 88 -17.15 -2.11 -11.94
CA LYS A 88 -16.03 -3.03 -12.06
C LYS A 88 -15.48 -3.36 -10.69
N LEU A 89 -15.28 -4.65 -10.44
CA LEU A 89 -14.61 -5.12 -9.25
C LEU A 89 -13.30 -5.81 -9.66
N ASP A 90 -12.15 -5.16 -9.44
N ASP A 90 -12.18 -5.14 -9.41
CA ASP A 90 -10.80 -5.72 -9.74
CA ASP A 90 -10.87 -5.63 -9.76
C ASP A 90 -10.28 -6.54 -8.58
C ASP A 90 -10.20 -6.39 -8.61
N SER A 91 -10.59 -6.11 -7.36
CA SER A 91 -9.90 -6.66 -6.20
C SER A 91 -10.69 -6.71 -4.92
N ILE A 92 -10.34 -7.71 -4.09
CA ILE A 92 -10.89 -7.87 -2.75
C ILE A 92 -9.71 -8.13 -1.82
N ALA A 93 -9.52 -7.25 -0.84
CA ALA A 93 -8.52 -7.41 0.20
C ALA A 93 -9.23 -7.70 1.52
N LEU A 94 -8.77 -8.74 2.24
CA LEU A 94 -9.39 -9.19 3.49
C LEU A 94 -8.35 -9.19 4.61
N GLY A 95 -8.76 -8.72 5.78
CA GLY A 95 -7.84 -8.52 6.89
C GLY A 95 -8.43 -7.91 8.14
N ASP A 96 -7.55 -7.36 8.96
CA ASP A 96 -7.92 -6.72 10.21
C ASP A 96 -7.54 -5.26 10.14
N THR A 97 -8.35 -4.43 10.77
CA THR A 97 -8.00 -3.06 11.13
C THR A 97 -7.96 -2.18 9.89
N LEU A 98 -9.16 -1.76 9.47
CA LEU A 98 -9.32 -0.82 8.38
C LEU A 98 -8.77 0.52 8.80
N THR A 99 -8.00 1.14 7.92
CA THR A 99 -7.48 2.48 8.14
C THR A 99 -7.85 3.37 6.97
N GLY A 100 -7.78 4.67 7.20
CA GLY A 100 -7.93 5.67 6.16
C GLY A 100 -9.35 5.85 5.66
N GLY A 101 -9.46 6.28 4.41
CA GLY A 101 -10.73 6.69 3.83
C GLY A 101 -10.53 7.79 2.81
N ALA A 102 -11.64 8.33 2.31
CA ALA A 102 -11.62 9.34 1.26
C ALA A 102 -10.77 10.57 1.61
N SER A 103 -10.97 11.09 2.83
CA SER A 103 -10.23 12.27 3.30
C SER A 103 -8.72 12.09 3.44
N SER A 104 -8.24 10.85 3.59
CA SER A 104 -6.78 10.59 3.65
C SER A 104 -6.20 9.94 2.40
N GLY A 105 -6.96 9.96 1.30
CA GLY A 105 -6.45 9.51 0.01
C GLY A 105 -6.55 8.02 -0.29
N GLY A 106 -7.21 7.27 0.59
CA GLY A 106 -7.50 5.87 0.32
C GLY A 106 -7.67 5.04 1.58
N TYR A 107 -8.35 3.92 1.41
CA TYR A 107 -8.46 2.92 2.47
C TYR A 107 -7.30 1.95 2.37
N ALA A 108 -6.85 1.48 3.53
CA ALA A 108 -5.88 0.39 3.63
C ALA A 108 -6.20 -0.49 4.83
N LEU A 109 -5.55 -1.63 4.92
CA LEU A 109 -5.63 -2.50 6.08
C LEU A 109 -4.29 -2.46 6.80
N ASP A 110 -4.29 -2.38 8.13
CA ASP A 110 -3.04 -2.52 8.89
C ASP A 110 -2.51 -3.96 8.84
N SER A 111 -3.41 -4.93 8.84
CA SER A 111 -3.03 -6.35 8.83
C SER A 111 -3.84 -7.13 7.81
N GLN A 112 -3.48 -6.99 6.54
CA GLN A 112 -4.07 -7.81 5.49
C GLN A 112 -3.73 -9.29 5.68
N GLU A 113 -4.71 -10.15 5.53
CA GLU A 113 -4.51 -11.60 5.53
C GLU A 113 -4.32 -12.09 4.09
N VAL A 114 -5.33 -11.87 3.26
CA VAL A 114 -5.39 -12.36 1.89
C VAL A 114 -6.01 -11.30 0.97
N SER A 115 -5.45 -11.15 -0.23
CA SER A 115 -6.07 -10.33 -1.27
C SER A 115 -6.15 -11.07 -2.62
N PHE A 116 -7.26 -10.87 -3.33
CA PHE A 116 -7.50 -11.40 -4.67
C PHE A 116 -7.59 -10.22 -5.63
N SER A 117 -6.77 -10.25 -6.68
CA SER A 117 -6.63 -9.15 -7.64
C SER A 117 -6.84 -9.66 -9.06
N ASN A 118 -7.02 -8.72 -10.00
CA ASN A 118 -7.37 -9.01 -11.39
C ASN A 118 -8.60 -9.92 -11.51
N LEU A 119 -9.62 -9.63 -10.70
CA LEU A 119 -10.86 -10.40 -10.72
C LEU A 119 -11.65 -10.21 -12.03
N GLY A 120 -11.46 -9.08 -12.70
CA GLY A 120 -12.10 -8.81 -13.98
C GLY A 120 -13.62 -8.86 -14.00
N LEU A 121 -14.26 -8.53 -12.88
CA LEU A 121 -15.71 -8.55 -12.78
C LEU A 121 -16.28 -7.20 -13.19
N ASP A 122 -17.39 -7.23 -13.92
CA ASP A 122 -17.98 -6.00 -14.46
C ASP A 122 -19.46 -6.21 -14.63
N SER A 123 -20.25 -5.61 -13.75
CA SER A 123 -21.70 -5.76 -13.77
C SER A 123 -22.39 -4.44 -14.13
N PRO A 124 -23.37 -4.50 -15.05
CA PRO A 124 -24.11 -3.28 -15.42
C PRO A 124 -25.19 -2.96 -14.42
N ILE A 125 -25.58 -1.69 -14.39
CA ILE A 125 -26.61 -1.20 -13.48
C ILE A 125 -27.95 -1.94 -13.62
N ALA A 126 -28.34 -2.24 -14.86
CA ALA A 126 -29.71 -2.73 -15.13
C ALA A 126 -29.97 -4.13 -14.60
N GLN A 127 -28.90 -4.87 -14.34
CA GLN A 127 -29.00 -6.17 -13.70
C GLN A 127 -29.41 -6.10 -12.21
N GLY A 128 -29.31 -4.92 -11.61
CA GLY A 128 -29.69 -4.75 -10.22
C GLY A 128 -28.93 -5.65 -9.28
N ARG A 129 -29.62 -6.13 -8.24
CA ARG A 129 -29.00 -6.97 -7.22
C ARG A 129 -28.75 -8.42 -7.69
N ASP A 130 -29.11 -8.75 -8.93
CA ASP A 130 -28.70 -10.01 -9.54
C ASP A 130 -27.30 -9.97 -10.14
N GLY A 131 -26.70 -8.78 -10.21
CA GLY A 131 -25.37 -8.63 -10.76
C GLY A 131 -24.34 -9.32 -9.90
N THR A 132 -23.29 -9.80 -10.56
CA THR A 132 -22.25 -10.57 -9.89
C THR A 132 -21.47 -9.73 -8.88
N VAL A 133 -21.11 -8.50 -9.26
CA VAL A 133 -20.41 -7.58 -8.36
C VAL A 133 -21.22 -7.35 -7.08
N HIS A 134 -22.51 -7.09 -7.23
CA HIS A 134 -23.40 -6.88 -6.08
C HIS A 134 -23.36 -8.06 -5.13
N LYS A 135 -23.57 -9.25 -5.69
CA LYS A 135 -23.64 -10.47 -4.88
C LYS A 135 -22.32 -10.82 -4.22
N VAL A 136 -21.20 -10.61 -4.92
CA VAL A 136 -19.88 -10.85 -4.32
C VAL A 136 -19.70 -9.97 -3.07
N VAL A 137 -19.95 -8.68 -3.22
CA VAL A 137 -19.65 -7.71 -2.17
C VAL A 137 -20.69 -7.82 -1.05
N TYR A 138 -21.97 -7.93 -1.40
CA TYR A 138 -22.99 -8.06 -0.38
C TYR A 138 -22.80 -9.33 0.45
N GLY A 139 -22.32 -10.39 -0.20
CA GLY A 139 -21.93 -11.61 0.49
C GLY A 139 -20.92 -11.40 1.61
N LEU A 140 -19.90 -10.59 1.31
CA LEU A 140 -18.88 -10.24 2.27
C LEU A 140 -19.41 -9.36 3.42
N MET A 141 -20.46 -8.58 3.14
CA MET A 141 -21.11 -7.75 4.16
C MET A 141 -22.03 -8.56 5.08
N SER A 142 -22.52 -9.70 4.58
CA SER A 142 -23.62 -10.43 5.21
C SER A 142 -23.26 -11.82 5.76
N GLY A 143 -21.98 -12.16 5.83
CA GLY A 143 -21.53 -13.44 6.36
C GLY A 143 -21.63 -14.64 5.44
N ASP A 144 -21.69 -14.41 4.13
CA ASP A 144 -21.76 -15.50 3.15
C ASP A 144 -20.86 -15.21 1.95
N SER A 145 -19.68 -15.82 1.90
CA SER A 145 -18.73 -15.57 0.81
C SER A 145 -18.85 -16.50 -0.40
N SER A 146 -19.99 -17.16 -0.57
CA SER A 146 -20.11 -18.18 -1.62
C SER A 146 -20.04 -17.58 -3.03
N ALA A 147 -20.61 -16.40 -3.24
CA ALA A 147 -20.50 -15.72 -4.54
C ALA A 147 -19.04 -15.43 -4.90
N LEU A 148 -18.26 -14.91 -3.95
CA LEU A 148 -16.84 -14.65 -4.17
C LEU A 148 -16.08 -15.96 -4.42
N GLN A 149 -16.35 -16.97 -3.59
CA GLN A 149 -15.75 -18.29 -3.79
C GLN A 149 -16.01 -18.83 -5.20
N GLY A 150 -17.23 -18.68 -5.67
CA GLY A 150 -17.61 -19.09 -7.03
C GLY A 150 -16.83 -18.38 -8.12
N GLN A 151 -16.66 -17.07 -7.98
CA GLN A 151 -15.90 -16.29 -8.98
C GLN A 151 -14.41 -16.60 -8.97
N ILE A 152 -13.84 -16.79 -7.77
CA ILE A 152 -12.43 -17.18 -7.66
C ILE A 152 -12.21 -18.57 -8.29
N ASP A 153 -13.13 -19.49 -8.02
CA ASP A 153 -13.02 -20.85 -8.54
C ASP A 153 -12.95 -20.85 -10.08
N ALA A 154 -13.89 -20.15 -10.71
CA ALA A 154 -13.90 -20.00 -12.16
C ALA A 154 -12.60 -19.40 -12.72
N LEU A 155 -12.08 -18.35 -12.08
CA LEU A 155 -10.83 -17.72 -12.53
C LEU A 155 -9.62 -18.64 -12.40
N LEU A 156 -9.55 -19.40 -11.31
CA LEU A 156 -8.45 -20.33 -11.12
C LEU A 156 -8.48 -21.48 -12.14
N LYS A 157 -9.67 -22.01 -12.39
CA LYS A 157 -9.85 -23.07 -13.38
C LYS A 157 -9.44 -22.63 -14.78
N ALA A 158 -9.68 -21.36 -15.10
CA ALA A 158 -9.26 -20.78 -16.39
C ALA A 158 -7.74 -20.68 -16.55
N VAL A 159 -7.02 -20.47 -15.45
CA VAL A 159 -5.55 -20.55 -15.49
C VAL A 159 -5.11 -22.00 -15.77
N ASP A 160 -5.61 -22.93 -14.96
CA ASP A 160 -5.34 -24.38 -15.14
C ASP A 160 -6.43 -25.19 -14.41
N PRO A 161 -6.98 -26.25 -15.06
CA PRO A 161 -8.08 -26.99 -14.43
C PRO A 161 -7.69 -27.79 -13.17
N SER A 162 -6.40 -28.01 -12.93
CA SER A 162 -5.95 -28.56 -11.63
C SER A 162 -6.10 -27.56 -10.46
N LEU A 163 -6.28 -26.27 -10.75
CA LEU A 163 -6.43 -25.25 -9.72
C LEU A 163 -7.91 -25.01 -9.43
N SER A 164 -8.21 -24.80 -8.16
CA SER A 164 -9.58 -24.54 -7.73
C SER A 164 -9.59 -23.76 -6.42
N ILE A 165 -10.80 -23.40 -6.00
CA ILE A 165 -11.03 -22.86 -4.65
C ILE A 165 -10.54 -23.85 -3.55
N ASN A 166 -10.41 -25.14 -3.90
CA ASN A 166 -9.92 -26.17 -2.98
C ASN A 166 -8.43 -26.45 -3.01
N SER A 167 -7.68 -25.71 -3.83
CA SER A 167 -6.25 -25.71 -3.76
C SER A 167 -5.85 -24.96 -2.49
N THR A 168 -4.72 -25.33 -1.93
CA THR A 168 -4.14 -24.58 -0.83
C THR A 168 -3.40 -23.36 -1.38
N PHE A 169 -3.19 -22.36 -0.54
CA PHE A 169 -2.47 -21.17 -0.98
C PHE A 169 -1.06 -21.53 -1.49
N ASP A 170 -0.38 -22.45 -0.81
CA ASP A 170 0.95 -22.91 -1.27
C ASP A 170 0.90 -23.64 -2.61
N GLN A 171 -0.16 -24.41 -2.90
CA GLN A 171 -0.33 -25.00 -4.24
C GLN A 171 -0.47 -23.90 -5.27
N LEU A 172 -1.31 -22.91 -4.96
CA LEU A 172 -1.53 -21.79 -5.88
C LEU A 172 -0.25 -21.00 -6.10
N ALA A 173 0.61 -20.92 -5.08
CA ALA A 173 1.93 -20.29 -5.21
C ALA A 173 2.86 -21.07 -6.13
N ALA A 174 2.93 -22.39 -5.93
CA ALA A 174 3.68 -23.27 -6.85
C ALA A 174 3.22 -23.11 -8.31
N ALA A 175 1.93 -22.88 -8.52
CA ALA A 175 1.38 -22.66 -9.87
C ALA A 175 1.60 -21.24 -10.43
N GLY A 176 2.14 -20.33 -9.63
CA GLY A 176 2.48 -18.97 -10.09
C GLY A 176 1.32 -17.98 -10.00
N VAL A 177 0.24 -18.36 -9.33
CA VAL A 177 -0.96 -17.53 -9.18
C VAL A 177 -0.93 -16.73 -7.88
N ALA A 178 -0.34 -17.31 -6.84
CA ALA A 178 -0.33 -16.71 -5.52
C ALA A 178 1.09 -16.50 -5.05
N HIS A 179 1.23 -15.65 -4.03
N HIS A 179 1.27 -15.59 -4.10
CA HIS A 179 2.55 -15.27 -3.51
CA HIS A 179 2.57 -15.36 -3.47
C HIS A 179 2.41 -15.00 -2.00
C HIS A 179 2.39 -15.04 -2.00
N ALA A 180 3.29 -15.60 -1.20
CA ALA A 180 3.26 -15.43 0.24
C ALA A 180 3.86 -14.07 0.61
N THR A 181 3.45 -13.53 1.75
CA THR A 181 3.97 -12.23 2.21
C THR A 181 5.49 -12.29 2.48
N PRO A 182 6.27 -11.27 2.02
CA PRO A 182 7.76 -11.27 2.16
C PRO A 182 8.34 -11.76 3.49
N ALA A 183 7.74 -11.34 4.61
CA ALA A 183 8.09 -11.83 5.96
C ALA A 183 9.57 -11.62 6.36
N MET B 1 7.30 21.75 11.86
CA MET B 1 6.33 22.18 10.82
C MET B 1 6.93 22.24 9.40
N SER B 2 7.74 23.25 9.06
CA SER B 2 8.35 23.30 7.72
C SER B 2 9.57 22.36 7.67
N ILE B 3 10.06 22.11 6.46
CA ILE B 3 11.16 21.16 6.21
C ILE B 3 12.35 21.35 7.17
N SER B 4 12.80 20.24 7.76
CA SER B 4 13.97 20.22 8.61
C SER B 4 14.94 19.18 8.11
N ILE B 5 16.22 19.56 8.08
CA ILE B 5 17.30 18.74 7.56
C ILE B 5 18.32 18.55 8.67
N SER B 6 18.76 17.31 8.87
CA SER B 6 19.81 17.00 9.82
C SER B 6 20.94 16.38 9.01
N TYR B 7 22.18 16.81 9.27
CA TYR B 7 23.33 16.36 8.50
C TYR B 7 24.56 16.17 9.38
N SER B 8 25.32 15.11 9.10
CA SER B 8 26.62 14.95 9.73
C SER B 8 27.57 16.04 9.20
N THR B 9 28.39 16.61 10.09
CA THR B 9 29.34 17.67 9.73
C THR B 9 30.33 17.28 8.64
N THR B 10 30.56 15.99 8.45
CA THR B 10 31.27 15.48 7.28
C THR B 10 30.78 16.07 5.95
N TYR B 11 29.47 16.33 5.85
CA TYR B 11 28.85 16.87 4.63
C TYR B 11 28.54 18.36 4.64
N SER B 12 29.05 19.09 5.63
CA SER B 12 28.81 20.53 5.79
C SER B 12 28.98 21.37 4.49
N GLY B 13 30.08 21.12 3.78
CA GLY B 13 30.37 21.82 2.53
C GLY B 13 29.79 21.24 1.24
N TRP B 14 29.04 20.15 1.34
CA TRP B 14 28.41 19.52 0.17
C TRP B 14 27.10 20.20 -0.17
N THR B 15 26.76 20.28 -1.45
CA THR B 15 25.42 20.68 -1.83
C THR B 15 24.50 19.47 -1.59
N VAL B 16 23.21 19.74 -1.43
CA VAL B 16 22.24 18.67 -1.22
C VAL B 16 22.22 17.77 -2.46
N ALA B 17 22.19 18.38 -3.64
CA ALA B 17 22.19 17.65 -4.93
C ALA B 17 23.40 16.75 -5.08
N ASP B 18 24.58 17.25 -4.74
CA ASP B 18 25.80 16.46 -4.84
C ASP B 18 25.77 15.29 -3.87
N TYR B 19 25.35 15.55 -2.64
CA TYR B 19 25.26 14.50 -1.64
C TYR B 19 24.31 13.37 -2.09
N LEU B 20 23.13 13.75 -2.58
CA LEU B 20 22.14 12.76 -3.03
C LEU B 20 22.57 11.97 -4.26
N ALA B 21 23.19 12.66 -5.24
CA ALA B 21 23.74 11.99 -6.41
C ALA B 21 24.78 10.95 -6.01
N ASP B 22 25.65 11.33 -5.07
CA ASP B 22 26.68 10.45 -4.54
C ASP B 22 26.11 9.28 -3.75
N TRP B 23 25.14 9.56 -2.88
CA TRP B 23 24.50 8.51 -2.10
C TRP B 23 23.78 7.49 -3.03
N SER B 24 23.06 7.99 -4.04
CA SER B 24 22.38 7.10 -5.00
C SER B 24 23.32 6.18 -5.78
N ALA B 25 24.45 6.72 -6.23
CA ALA B 25 25.48 5.94 -6.93
C ALA B 25 26.09 4.86 -6.04
N TYR B 26 26.31 5.21 -4.77
CA TYR B 26 26.81 4.28 -3.76
C TYR B 26 25.80 3.18 -3.39
N PHE B 27 24.53 3.56 -3.23
CA PHE B 27 23.43 2.61 -2.96
C PHE B 27 23.21 1.69 -4.16
N GLY B 28 23.25 2.28 -5.35
CA GLY B 28 23.06 1.55 -6.59
C GLY B 28 21.60 1.28 -6.90
N ASP B 29 21.38 0.26 -7.73
CA ASP B 29 20.05 -0.15 -8.20
C ASP B 29 19.88 -1.59 -7.72
N VAL B 30 18.92 -1.81 -6.81
CA VAL B 30 18.64 -3.16 -6.29
C VAL B 30 17.86 -4.05 -7.28
N ASN B 31 17.47 -3.50 -8.43
CA ASN B 31 16.77 -4.24 -9.49
C ASN B 31 15.42 -4.80 -8.97
N HIS B 32 14.69 -3.91 -8.29
CA HIS B 32 13.33 -4.20 -7.84
C HIS B 32 12.39 -3.95 -9.02
N ARG B 33 12.22 -4.98 -9.84
CA ARG B 33 11.45 -4.95 -11.11
C ARG B 33 10.75 -6.31 -11.32
N PRO B 34 9.74 -6.36 -12.23
CA PRO B 34 8.98 -7.62 -12.41
C PRO B 34 9.87 -8.81 -12.81
N GLY B 35 9.75 -9.91 -12.06
CA GLY B 35 10.59 -11.10 -12.25
C GLY B 35 11.97 -11.06 -11.63
N GLN B 36 12.34 -9.92 -11.01
CA GLN B 36 13.65 -9.73 -10.36
C GLN B 36 13.57 -9.50 -8.85
N VAL B 37 12.37 -9.47 -8.29
CA VAL B 37 12.19 -9.23 -6.87
C VAL B 37 12.36 -10.57 -6.13
N VAL B 38 13.28 -10.59 -5.17
CA VAL B 38 13.65 -11.81 -4.45
C VAL B 38 13.44 -11.57 -2.96
N ASP B 39 12.60 -12.42 -2.38
CA ASP B 39 12.27 -12.40 -0.96
C ASP B 39 13.55 -12.34 -0.11
N GLY B 40 13.62 -11.34 0.77
CA GLY B 40 14.78 -11.14 1.65
C GLY B 40 16.07 -10.58 1.06
N SER B 41 16.06 -10.28 -0.25
CA SER B 41 17.23 -9.72 -0.93
C SER B 41 17.04 -8.26 -1.38
N ASN B 42 15.96 -7.96 -2.11
CA ASN B 42 15.69 -6.61 -2.62
C ASN B 42 14.21 -6.18 -2.51
N THR B 43 13.53 -6.65 -1.46
CA THR B 43 12.16 -6.21 -1.16
C THR B 43 12.14 -5.02 -0.21
N GLY B 44 13.01 -5.05 0.81
CA GLY B 44 12.96 -4.12 1.92
C GLY B 44 11.93 -4.64 2.91
N GLY B 45 11.47 -3.76 3.80
CA GLY B 45 10.44 -4.11 4.76
C GLY B 45 9.71 -2.93 5.35
N PHE B 46 8.50 -3.20 5.83
CA PHE B 46 7.65 -2.22 6.50
C PHE B 46 7.64 -2.45 7.99
N ASN B 47 7.54 -1.36 8.74
CA ASN B 47 7.26 -1.40 10.16
C ASN B 47 5.95 -0.65 10.44
N PRO B 48 4.88 -1.33 10.90
CA PRO B 48 4.86 -2.76 11.32
C PRO B 48 4.82 -3.80 10.22
N GLY B 49 4.33 -3.42 9.04
CA GLY B 49 4.16 -4.38 7.96
C GLY B 49 2.88 -5.18 8.16
N PRO B 50 2.60 -6.15 7.30
CA PRO B 50 3.48 -6.56 6.19
C PRO B 50 3.51 -5.65 4.95
N PHE B 51 2.41 -4.93 4.67
CA PHE B 51 2.34 -4.06 3.48
C PHE B 51 2.09 -2.58 3.78
N ASP B 52 2.08 -2.23 5.05
CA ASP B 52 1.78 -0.86 5.49
C ASP B 52 2.64 -0.57 6.69
N GLY B 53 2.99 0.69 6.87
CA GLY B 53 3.69 1.07 8.08
C GLY B 53 4.06 2.52 8.20
N SER B 54 4.56 2.84 9.41
CA SER B 54 5.15 4.13 9.70
C SER B 54 6.56 4.24 9.13
N GLN B 55 7.16 3.12 8.73
CA GLN B 55 8.44 3.10 8.06
C GLN B 55 8.49 2.08 6.95
N TYR B 56 9.18 2.41 5.88
CA TYR B 56 9.63 1.44 4.90
C TYR B 56 11.14 1.63 4.85
N ALA B 57 11.88 0.52 4.87
CA ALA B 57 13.35 0.58 4.88
C ALA B 57 13.92 -0.45 3.94
N LEU B 58 15.05 -0.11 3.30
CA LEU B 58 15.71 -0.99 2.32
C LEU B 58 17.23 -0.83 2.35
N LYS B 59 17.94 -1.97 2.42
CA LYS B 59 19.40 -2.07 2.28
C LYS B 59 19.80 -2.22 0.84
N SER B 60 20.92 -1.59 0.49
CA SER B 60 21.57 -1.81 -0.80
C SER B 60 21.99 -3.28 -0.93
N THR B 61 22.02 -3.77 -2.15
CA THR B 61 22.62 -5.08 -2.42
C THR B 61 24.11 -4.96 -2.80
N ALA B 62 24.52 -3.79 -3.30
CA ALA B 62 25.91 -3.52 -3.69
C ALA B 62 26.81 -3.02 -2.55
N SER B 63 26.21 -2.51 -1.47
CA SER B 63 26.98 -1.87 -0.39
C SER B 63 26.25 -1.94 0.95
N ASP B 64 26.82 -1.29 1.97
CA ASP B 64 26.18 -1.15 3.27
C ASP B 64 25.13 0.00 3.34
N ALA B 65 24.92 0.72 2.24
CA ALA B 65 23.99 1.85 2.20
C ALA B 65 22.55 1.40 2.45
N ALA B 66 21.78 2.26 3.11
CA ALA B 66 20.37 2.00 3.40
C ALA B 66 19.59 3.30 3.59
N PHE B 67 18.28 3.23 3.38
CA PHE B 67 17.40 4.35 3.68
C PHE B 67 16.19 3.90 4.45
N ILE B 68 15.58 4.86 5.14
CA ILE B 68 14.35 4.64 5.88
C ILE B 68 13.41 5.77 5.43
N ALA B 69 12.27 5.36 4.88
CA ALA B 69 11.20 6.29 4.57
C ALA B 69 10.23 6.26 5.74
N GLY B 70 9.87 7.43 6.25
CA GLY B 70 8.99 7.54 7.41
C GLY B 70 7.70 8.27 7.07
N GLY B 71 6.59 7.79 7.65
CA GLY B 71 5.31 8.48 7.55
C GLY B 71 4.13 7.56 7.81
N ASP B 72 3.30 7.37 6.78
CA ASP B 72 2.13 6.49 6.84
C ASP B 72 1.96 5.92 5.44
N LEU B 73 2.67 4.82 5.21
CA LEU B 73 2.90 4.29 3.86
C LEU B 73 2.17 2.97 3.62
N HIS B 74 1.80 2.73 2.37
CA HIS B 74 0.98 1.60 1.99
C HIS B 74 1.44 1.10 0.63
N TYR B 75 1.46 -0.22 0.45
CA TYR B 75 1.83 -0.83 -0.81
C TYR B 75 0.72 -1.72 -1.37
N THR B 76 0.37 -1.55 -2.65
CA THR B 76 -0.76 -2.26 -3.24
C THR B 76 -0.46 -3.68 -3.76
N LEU B 77 0.80 -3.98 -4.01
CA LEU B 77 1.24 -5.25 -4.62
C LEU B 77 0.47 -5.55 -5.91
N PHE B 78 -0.38 -6.58 -5.95
CA PHE B 78 -1.05 -6.99 -7.19
C PHE B 78 -2.33 -6.25 -7.49
N SER B 79 -2.90 -5.59 -6.50
CA SER B 79 -4.19 -4.91 -6.66
C SER B 79 -4.04 -3.59 -7.38
N ASN B 80 -4.90 -3.36 -8.36
CA ASN B 80 -4.90 -2.13 -9.13
C ASN B 80 -5.09 -0.93 -8.18
N PRO B 81 -4.28 0.13 -8.30
CA PRO B 81 -3.15 0.23 -9.25
C PRO B 81 -1.96 -0.56 -8.73
N SER B 82 -1.51 -1.56 -9.49
CA SER B 82 -0.52 -2.52 -9.01
C SER B 82 0.85 -1.87 -8.74
N HIS B 83 1.50 -2.37 -7.69
CA HIS B 83 2.85 -2.00 -7.31
C HIS B 83 2.98 -0.50 -7.10
N THR B 84 2.05 0.03 -6.30
CA THR B 84 2.02 1.43 -5.92
C THR B 84 2.32 1.54 -4.43
N LEU B 85 3.30 2.37 -4.10
CA LEU B 85 3.58 2.83 -2.76
C LEU B 85 2.97 4.21 -2.61
N TRP B 86 2.03 4.33 -1.68
CA TRP B 86 1.28 5.57 -1.51
C TRP B 86 1.09 5.89 -0.03
N GLY B 87 0.47 7.03 0.23
CA GLY B 87 0.20 7.50 1.58
C GLY B 87 1.05 8.73 1.89
N LYS B 88 1.34 8.92 3.18
CA LYS B 88 2.07 10.10 3.66
C LYS B 88 3.55 9.79 3.81
N LEU B 89 4.39 10.63 3.20
CA LEU B 89 5.85 10.55 3.34
C LEU B 89 6.34 11.81 4.07
N ASP B 90 6.70 11.62 5.33
CA ASP B 90 7.13 12.70 6.22
C ASP B 90 8.65 12.87 6.26
N SER B 91 9.37 11.77 6.11
CA SER B 91 10.82 11.78 6.27
C SER B 91 11.57 10.76 5.42
N ILE B 92 12.81 11.09 5.10
CA ILE B 92 13.77 10.20 4.43
C ILE B 92 15.06 10.33 5.23
N ALA B 93 15.58 9.19 5.70
CA ALA B 93 16.87 9.12 6.38
C ALA B 93 17.79 8.27 5.51
N LEU B 94 19.00 8.79 5.29
CA LEU B 94 19.99 8.17 4.44
C LEU B 94 21.25 7.92 5.24
N GLY B 95 21.88 6.77 5.00
CA GLY B 95 23.08 6.41 5.75
C GLY B 95 23.58 5.01 5.46
N ASP B 96 24.20 4.41 6.48
CA ASP B 96 24.81 3.08 6.43
C ASP B 96 24.28 2.20 7.53
N THR B 97 24.17 0.91 7.21
CA THR B 97 24.01 -0.16 8.21
C THR B 97 22.66 -0.11 8.89
N LEU B 98 21.68 -0.62 8.17
CA LEU B 98 20.31 -0.70 8.66
C LEU B 98 20.20 -1.72 9.78
N THR B 99 19.60 -1.31 10.89
CA THR B 99 19.27 -2.22 11.98
C THR B 99 17.78 -2.17 12.27
N GLY B 100 17.34 -3.12 13.10
CA GLY B 100 15.99 -3.15 13.63
C GLY B 100 14.97 -3.65 12.63
N GLY B 101 13.72 -3.31 12.89
CA GLY B 101 12.58 -3.84 12.15
C GLY B 101 11.36 -3.80 13.04
N ALA B 102 10.27 -4.39 12.53
CA ALA B 102 8.98 -4.36 13.22
C ALA B 102 9.06 -4.91 14.65
N SER B 103 9.71 -6.04 14.83
CA SER B 103 9.80 -6.69 16.14
C SER B 103 10.61 -5.87 17.18
N SER B 104 11.55 -5.04 16.71
CA SER B 104 12.30 -4.11 17.58
C SER B 104 11.57 -2.80 17.88
N GLY B 105 10.39 -2.59 17.29
CA GLY B 105 9.67 -1.32 17.39
C GLY B 105 10.28 -0.19 16.55
N GLY B 106 11.03 -0.55 15.50
CA GLY B 106 11.55 0.45 14.55
C GLY B 106 12.83 0.11 13.84
N TYR B 107 12.94 0.55 12.59
CA TYR B 107 14.20 0.56 11.87
C TYR B 107 15.06 1.75 12.33
N ALA B 108 16.37 1.60 12.17
CA ALA B 108 17.31 2.66 12.44
C ALA B 108 18.57 2.41 11.62
N LEU B 109 19.38 3.45 11.48
CA LEU B 109 20.68 3.37 10.82
C LEU B 109 21.77 3.53 11.88
N ASP B 110 22.81 2.70 11.81
CA ASP B 110 23.95 2.84 12.74
C ASP B 110 24.78 4.09 12.41
N SER B 111 24.92 4.38 11.13
CA SER B 111 25.54 5.62 10.65
C SER B 111 24.53 6.40 9.80
N GLN B 112 23.73 7.22 10.47
CA GLN B 112 22.82 8.12 9.76
C GLN B 112 23.61 9.34 9.27
N GLU B 113 23.64 9.55 7.95
CA GLU B 113 24.38 10.65 7.38
C GLU B 113 23.53 11.91 7.26
N VAL B 114 22.39 11.78 6.57
CA VAL B 114 21.48 12.91 6.32
C VAL B 114 20.01 12.46 6.53
N SER B 115 19.20 13.32 7.11
CA SER B 115 17.74 13.12 7.14
C SER B 115 16.97 14.36 6.71
N PHE B 116 15.86 14.14 6.03
CA PHE B 116 14.95 15.19 5.59
C PHE B 116 13.62 14.89 6.25
N SER B 117 13.14 15.82 7.07
CA SER B 117 11.90 15.66 7.85
C SER B 117 10.91 16.76 7.53
N ASN B 118 9.68 16.57 8.00
CA ASN B 118 8.56 17.48 7.72
C ASN B 118 8.36 17.71 6.21
N LEU B 119 8.47 16.63 5.42
CA LEU B 119 8.36 16.75 3.98
C LEU B 119 6.93 17.05 3.49
N GLY B 120 5.94 16.65 4.29
CA GLY B 120 4.54 16.99 3.99
C GLY B 120 4.01 16.37 2.71
N LEU B 121 4.62 15.28 2.25
CA LEU B 121 4.21 14.66 0.98
C LEU B 121 3.07 13.68 1.25
N ASP B 122 2.07 13.69 0.37
CA ASP B 122 0.88 12.85 0.57
C ASP B 122 0.29 12.50 -0.78
N SER B 123 0.35 11.23 -1.14
CA SER B 123 -0.11 10.75 -2.44
C SER B 123 -1.23 9.71 -2.26
N PRO B 124 -2.37 9.92 -2.94
CA PRO B 124 -3.49 9.01 -2.78
C PRO B 124 -3.30 7.76 -3.62
N ILE B 125 -3.96 6.68 -3.21
CA ILE B 125 -3.85 5.40 -3.91
C ILE B 125 -4.23 5.54 -5.39
N ALA B 126 -5.25 6.34 -5.68
CA ALA B 126 -5.77 6.44 -7.06
C ALA B 126 -4.75 7.00 -8.07
N GLN B 127 -3.78 7.80 -7.61
CA GLN B 127 -2.72 8.27 -8.50
C GLN B 127 -1.77 7.17 -8.96
N GLY B 128 -1.74 6.03 -8.25
CA GLY B 128 -0.91 4.90 -8.65
C GLY B 128 0.56 5.28 -8.66
N ARG B 129 1.30 4.78 -9.64
CA ARG B 129 2.73 5.02 -9.75
C ARG B 129 3.12 6.43 -10.22
N ASP B 130 2.15 7.23 -10.63
CA ASP B 130 2.38 8.65 -10.89
C ASP B 130 2.44 9.49 -9.60
N GLY B 131 2.08 8.90 -8.46
CA GLY B 131 2.13 9.61 -7.20
C GLY B 131 3.55 10.03 -6.85
N THR B 132 3.67 11.20 -6.23
CA THR B 132 4.97 11.72 -5.86
C THR B 132 5.68 10.81 -4.88
N VAL B 133 4.94 10.29 -3.90
CA VAL B 133 5.52 9.43 -2.88
C VAL B 133 6.13 8.20 -3.54
N HIS B 134 5.37 7.56 -4.44
CA HIS B 134 5.88 6.40 -5.19
C HIS B 134 7.18 6.69 -5.93
N LYS B 135 7.19 7.81 -6.67
CA LYS B 135 8.36 8.15 -7.48
C LYS B 135 9.59 8.46 -6.64
N VAL B 136 9.38 9.17 -5.53
CA VAL B 136 10.50 9.51 -4.60
C VAL B 136 11.16 8.24 -4.08
N VAL B 137 10.36 7.37 -3.50
CA VAL B 137 10.87 6.14 -2.86
C VAL B 137 11.42 5.16 -3.89
N TYR B 138 10.68 4.91 -4.97
CA TYR B 138 11.19 3.96 -6.00
C TYR B 138 12.51 4.44 -6.64
N GLY B 139 12.62 5.75 -6.82
CA GLY B 139 13.87 6.40 -7.22
C GLY B 139 15.03 5.98 -6.35
N LEU B 140 14.86 6.06 -5.04
CA LEU B 140 15.90 5.64 -4.09
C LEU B 140 16.23 4.16 -4.20
N MET B 141 15.22 3.35 -4.48
CA MET B 141 15.41 1.90 -4.63
C MET B 141 16.18 1.56 -5.91
N SER B 142 16.04 2.40 -6.94
CA SER B 142 16.54 2.11 -8.27
C SER B 142 17.76 2.96 -8.71
N GLY B 143 18.43 3.59 -7.76
CA GLY B 143 19.66 4.36 -8.03
C GLY B 143 19.49 5.70 -8.73
N ASP B 144 18.35 6.34 -8.54
CA ASP B 144 18.05 7.62 -9.18
C ASP B 144 17.24 8.48 -8.21
N SER B 145 17.92 9.42 -7.54
CA SER B 145 17.30 10.30 -6.54
C SER B 145 16.73 11.62 -7.10
N SER B 146 16.52 11.71 -8.42
CA SER B 146 16.04 12.96 -9.01
C SER B 146 14.64 13.36 -8.52
N ALA B 147 13.76 12.39 -8.29
CA ALA B 147 12.43 12.70 -7.73
C ALA B 147 12.56 13.27 -6.31
N LEU B 148 13.37 12.66 -5.47
CA LEU B 148 13.65 13.21 -4.15
C LEU B 148 14.26 14.61 -4.25
N GLN B 149 15.26 14.77 -5.11
CA GLN B 149 15.91 16.07 -5.32
C GLN B 149 14.90 17.13 -5.70
N GLY B 150 14.03 16.80 -6.66
CA GLY B 150 12.96 17.69 -7.11
C GLY B 150 12.04 18.15 -5.99
N GLN B 151 11.70 17.23 -5.09
CA GLN B 151 10.79 17.55 -3.98
C GLN B 151 11.46 18.40 -2.89
N ILE B 152 12.70 18.06 -2.54
CA ILE B 152 13.46 18.86 -1.59
C ILE B 152 13.65 20.27 -2.17
N ASP B 153 13.93 20.36 -3.47
CA ASP B 153 14.11 21.65 -4.14
C ASP B 153 12.87 22.54 -4.02
N ALA B 154 11.69 21.97 -4.29
CA ALA B 154 10.46 22.72 -4.17
C ALA B 154 10.18 23.17 -2.73
N LEU B 155 10.38 22.27 -1.77
CA LEU B 155 10.19 22.61 -0.37
C LEU B 155 11.12 23.73 0.07
N LEU B 156 12.39 23.67 -0.31
CA LEU B 156 13.38 24.70 0.06
C LEU B 156 13.04 26.07 -0.54
N LYS B 157 12.69 26.08 -1.83
CA LYS B 157 12.27 27.31 -2.50
C LYS B 157 11.05 27.96 -1.86
N ALA B 158 10.13 27.15 -1.35
CA ALA B 158 8.95 27.65 -0.65
C ALA B 158 9.27 28.23 0.73
N VAL B 159 10.32 27.75 1.39
CA VAL B 159 10.82 28.38 2.61
C VAL B 159 11.39 29.77 2.27
N ASP B 160 12.32 29.81 1.31
CA ASP B 160 12.82 31.08 0.76
C ASP B 160 13.35 30.85 -0.66
N PRO B 161 12.98 31.72 -1.62
CA PRO B 161 13.44 31.55 -3.03
C PRO B 161 14.94 31.40 -3.24
N SER B 162 15.77 31.91 -2.33
CA SER B 162 17.22 31.75 -2.42
C SER B 162 17.74 30.36 -2.09
N LEU B 163 16.94 29.54 -1.42
CA LEU B 163 17.34 28.19 -1.00
C LEU B 163 16.97 27.15 -2.06
N SER B 164 17.86 26.19 -2.27
CA SER B 164 17.65 25.15 -3.25
C SER B 164 18.49 23.92 -2.91
N ILE B 165 18.33 22.87 -3.71
CA ILE B 165 19.23 21.69 -3.60
C ILE B 165 20.68 21.99 -3.97
N ASN B 166 20.93 23.11 -4.65
CA ASN B 166 22.29 23.55 -4.93
C ASN B 166 22.93 24.35 -3.78
N SER B 167 22.19 24.58 -2.70
CA SER B 167 22.76 25.11 -1.47
C SER B 167 23.56 24.01 -0.77
N THR B 168 24.63 24.39 -0.09
CA THR B 168 25.31 23.48 0.82
C THR B 168 24.50 23.28 2.08
N PHE B 169 24.83 22.23 2.83
CA PHE B 169 24.15 21.96 4.09
C PHE B 169 24.38 23.10 5.10
N ASP B 170 25.59 23.63 5.12
CA ASP B 170 25.91 24.81 5.93
C ASP B 170 25.08 26.06 5.55
N GLN B 171 24.89 26.33 4.26
CA GLN B 171 24.04 27.45 3.86
C GLN B 171 22.61 27.30 4.34
N LEU B 172 22.09 26.07 4.24
CA LEU B 172 20.75 25.76 4.75
C LEU B 172 20.70 25.88 6.28
N ALA B 173 21.78 25.49 6.96
CA ALA B 173 21.86 25.67 8.42
C ALA B 173 21.88 27.16 8.82
N ALA B 174 22.57 27.98 8.01
CA ALA B 174 22.61 29.44 8.19
C ALA B 174 21.25 30.10 8.00
N ALA B 175 20.34 29.44 7.28
CA ALA B 175 18.97 29.91 7.17
C ALA B 175 18.01 29.23 8.17
N GLY B 176 18.55 28.45 9.10
CA GLY B 176 17.76 27.75 10.12
C GLY B 176 16.99 26.50 9.68
N VAL B 177 17.18 26.09 8.43
CA VAL B 177 16.48 24.94 7.86
C VAL B 177 17.18 23.63 8.24
N ALA B 178 18.51 23.64 8.21
CA ALA B 178 19.32 22.45 8.46
C ALA B 178 20.03 22.54 9.81
N HIS B 179 20.43 21.39 10.34
CA HIS B 179 21.01 21.28 11.70
C HIS B 179 22.09 20.21 11.72
N ALA B 180 23.31 20.60 12.11
CA ALA B 180 24.47 19.72 12.07
C ALA B 180 24.44 18.73 13.22
N THR B 181 24.93 17.52 12.95
CA THR B 181 25.14 16.49 13.97
C THR B 181 26.61 16.03 13.90
N PRO B 182 27.18 15.55 15.03
CA PRO B 182 28.57 15.04 15.11
C PRO B 182 29.04 14.17 13.94
N ALA B 183 30.32 14.32 13.59
CA ALA B 183 30.93 13.71 12.39
C ALA B 183 30.78 12.18 12.28
N ALA B 184 30.93 11.50 13.42
CA ALA B 184 30.68 10.04 13.53
C ALA B 184 31.49 9.17 12.55
#